data_6SMV
#
_entry.id   6SMV
#
_cell.length_a   73.906
_cell.length_b   44.539
_cell.length_c   94.237
_cell.angle_alpha   90.000
_cell.angle_beta   99.705
_cell.angle_gamma   90.000
#
_symmetry.space_group_name_H-M   'P 1 21 1'
#
loop_
_entity.id
_entity.type
_entity.pdbx_description
1 polymer 'Maltose/maltodextrin-binding periplasmic protein,Protein E6,Mastermind-like protein 1'
2 branched alpha-D-glucopyranose-(1-4)-alpha-D-glucopyranose-(1-4)-alpha-D-glucopyranose-(1-4)-alpha-D-glucopyranose
3 non-polymer 'ZINC ION'
4 non-polymer DI(HYDROXYETHYL)ETHER
5 water water
#
_entity_poly.entity_id   1
_entity_poly.type   'polypeptide(L)'
_entity_poly.pdbx_seq_one_letter_code
;MKIEEGKLVIWINGDKGYNGLAEVGKKFEKDTGIKVTVEHPDKLEEKFPQVAATGDGPDIIFWAHDRFGGYAQSGLLAEI
TPAAAFQDKLYPFTWDAVRYNGKLIAYPIAVEALSLIYNKDLLPNPPKTWEEIPALDKELKAKGKSALMFNLQEPYFTWP
LIAADGGYAFKYENGKYDIKDVGVDNAGAKAGLTFLVDLIKNKHMNADTDYSIAEAAFNKGETAMTINGPWAWSNIDTSA
VNYGVTVLPTFKGQPSKPFVGVLSAGINAASPNKELAKEFLENYLLTDEGLEAVNKDKPLGAVALKSYEEELAKDPRIAA
TMENAQKGEIMPNIPQMSAFWYAVRTAVINAASGRQTVDAALAAAQTNAAAMARPVKVAELAHHLNIPIWEVLLPCNFCT
GFLTYQELLEFDYKDFNLLWKDGFVFGCCAACAYRSAYHEFTNYHQEIVVGIEIEGRAAANIAEIVVRCLICLKRLDLLE
KLDICAQHREFHRVRNRWKGVCRHCRVIEGSGSGSGSGSGSAAAEEWMSDLDDLLGSQ
;
_entity_poly.pdbx_strand_id   A
#
loop_
_chem_comp.id
_chem_comp.type
_chem_comp.name
_chem_comp.formula
GLC D-saccharide, alpha linking alpha-D-glucopyranose 'C6 H12 O6'
PEG non-polymer DI(HYDROXYETHYL)ETHER 'C4 H10 O3'
ZN non-polymer 'ZINC ION' 'Zn 2'
#
# COMPACT_ATOMS: atom_id res chain seq x y z
N MET A 1 -8.35 8.46 -19.03
CA MET A 1 -9.77 8.72 -19.24
C MET A 1 -10.42 9.21 -17.96
N LYS A 2 -11.49 10.00 -18.10
CA LYS A 2 -12.15 10.60 -16.95
C LYS A 2 -13.28 9.72 -16.44
N ILE A 3 -13.59 9.89 -15.16
CA ILE A 3 -14.60 9.07 -14.49
C ILE A 3 -15.98 9.58 -14.85
N GLU A 4 -16.92 8.65 -15.06
CA GLU A 4 -18.27 9.01 -15.43
C GLU A 4 -19.03 9.56 -14.22
N GLU A 5 -19.68 10.71 -14.41
CA GLU A 5 -20.47 11.31 -13.33
C GLU A 5 -21.84 10.68 -13.26
N GLY A 6 -22.32 10.48 -12.04
CA GLY A 6 -23.61 9.85 -11.82
C GLY A 6 -23.56 8.34 -11.67
N LYS A 7 -22.37 7.75 -11.52
CA LYS A 7 -22.22 6.31 -11.40
C LYS A 7 -21.09 6.02 -10.43
N LEU A 8 -21.29 5.04 -9.55
CA LEU A 8 -20.30 4.66 -8.55
C LEU A 8 -19.61 3.38 -8.98
N VAL A 9 -18.29 3.42 -9.08
CA VAL A 9 -17.47 2.26 -9.37
C VAL A 9 -16.61 1.98 -8.14
N ILE A 10 -16.72 0.76 -7.61
CA ILE A 10 -16.06 0.39 -6.37
C ILE A 10 -15.09 -0.75 -6.65
N TRP A 11 -13.86 -0.61 -6.18
CA TRP A 11 -12.84 -1.64 -6.30
C TRP A 11 -12.60 -2.26 -4.94
N ILE A 12 -12.57 -3.60 -4.90
CA ILE A 12 -12.35 -4.34 -3.66
C ILE A 12 -11.60 -5.62 -4.01
N ASN A 13 -10.81 -6.11 -3.06
CA ASN A 13 -9.99 -7.30 -3.30
C ASN A 13 -10.88 -8.52 -3.56
N GLY A 14 -10.30 -9.49 -4.27
CA GLY A 14 -11.08 -10.64 -4.69
C GLY A 14 -11.46 -11.58 -3.55
N ASP A 15 -10.62 -11.65 -2.52
CA ASP A 15 -10.88 -12.54 -1.39
C ASP A 15 -11.91 -11.97 -0.41
N LYS A 16 -12.54 -10.86 -0.75
CA LYS A 16 -13.55 -10.23 0.09
C LYS A 16 -14.94 -10.48 -0.49
N GLY A 17 -15.95 -10.11 0.30
CA GLY A 17 -17.33 -10.31 -0.12
C GLY A 17 -17.81 -9.30 -1.14
N TYR A 18 -17.25 -9.36 -2.35
CA TYR A 18 -17.67 -8.43 -3.39
C TYR A 18 -19.09 -8.71 -3.86
N ASN A 19 -19.50 -9.98 -3.90
CA ASN A 19 -20.89 -10.30 -4.20
C ASN A 19 -21.81 -9.84 -3.08
N GLY A 20 -21.34 -9.94 -1.82
CA GLY A 20 -22.13 -9.43 -0.71
C GLY A 20 -22.25 -7.93 -0.70
N LEU A 21 -21.28 -7.23 -1.30
CA LEU A 21 -21.35 -5.78 -1.42
C LEU A 21 -22.14 -5.33 -2.63
N ALA A 22 -22.11 -6.12 -3.71
CA ALA A 22 -22.90 -5.77 -4.90
C ALA A 22 -24.40 -5.82 -4.60
N GLU A 23 -24.83 -6.72 -3.71
CA GLU A 23 -26.23 -6.75 -3.31
C GLU A 23 -26.61 -5.52 -2.51
N VAL A 24 -25.67 -4.97 -1.73
CA VAL A 24 -25.94 -3.73 -1.02
C VAL A 24 -25.93 -2.55 -1.99
N GLY A 25 -25.15 -2.65 -3.07
CA GLY A 25 -25.15 -1.59 -4.06
C GLY A 25 -26.47 -1.44 -4.78
N LYS A 26 -27.24 -2.52 -4.88
CA LYS A 26 -28.58 -2.45 -5.46
C LYS A 26 -29.59 -1.86 -4.50
N LYS A 27 -29.40 -2.07 -3.19
CA LYS A 27 -30.25 -1.41 -2.20
C LYS A 27 -30.08 0.10 -2.27
N PHE A 28 -28.84 0.57 -2.42
CA PHE A 28 -28.60 1.99 -2.66
C PHE A 28 -29.14 2.43 -4.00
N GLU A 29 -29.26 1.51 -4.96
CA GLU A 29 -29.80 1.85 -6.27
C GLU A 29 -31.32 2.01 -6.23
N LYS A 30 -31.99 1.26 -5.35
CA LYS A 30 -33.44 1.37 -5.27
C LYS A 30 -33.89 2.67 -4.60
N ASP A 31 -33.05 3.24 -3.74
CA ASP A 31 -33.39 4.46 -3.02
C ASP A 31 -32.87 5.73 -3.68
N THR A 32 -31.81 5.63 -4.48
CA THR A 32 -31.22 6.79 -5.12
C THR A 32 -31.21 6.73 -6.65
N GLY A 33 -31.41 5.55 -7.23
CA GLY A 33 -31.40 5.44 -8.69
C GLY A 33 -30.03 5.48 -9.31
N ILE A 34 -28.97 5.29 -8.52
CA ILE A 34 -27.60 5.31 -9.02
C ILE A 34 -27.05 3.90 -8.94
N LYS A 35 -26.67 3.35 -10.09
CA LYS A 35 -26.15 1.99 -10.14
C LYS A 35 -24.76 1.93 -9.53
N VAL A 36 -24.55 0.97 -8.64
CA VAL A 36 -23.28 0.78 -7.95
C VAL A 36 -22.60 -0.43 -8.57
N THR A 37 -21.53 -0.20 -9.32
CA THR A 37 -20.78 -1.26 -9.98
C THR A 37 -19.54 -1.61 -9.16
N VAL A 38 -19.38 -2.89 -8.87
CA VAL A 38 -18.23 -3.38 -8.13
C VAL A 38 -17.30 -4.12 -9.08
N GLU A 39 -16.00 -4.04 -8.80
CA GLU A 39 -14.97 -4.70 -9.59
C GLU A 39 -13.90 -5.24 -8.66
N HIS A 40 -13.35 -6.41 -9.00
CA HIS A 40 -12.28 -7.04 -8.22
C HIS A 40 -11.10 -7.36 -9.13
N PRO A 41 -10.39 -6.32 -9.58
CA PRO A 41 -9.24 -6.57 -10.46
C PRO A 41 -8.09 -7.21 -9.68
N ASP A 42 -7.14 -7.74 -10.45
CA ASP A 42 -5.91 -8.27 -9.87
C ASP A 42 -4.89 -7.14 -9.71
N LYS A 43 -4.20 -7.14 -8.57
CA LYS A 43 -3.22 -6.10 -8.25
C LYS A 43 -3.87 -4.71 -8.25
N LEU A 44 -5.07 -4.62 -7.67
CA LEU A 44 -5.79 -3.35 -7.66
C LEU A 44 -5.12 -2.33 -6.74
N GLU A 45 -4.45 -2.80 -5.69
CA GLU A 45 -3.73 -1.90 -4.81
C GLU A 45 -2.54 -1.24 -5.50
N GLU A 46 -2.04 -1.84 -6.58
CA GLU A 46 -0.98 -1.26 -7.38
C GLU A 46 -1.49 -0.50 -8.59
N LYS A 47 -2.58 -0.97 -9.21
CA LYS A 47 -3.14 -0.28 -10.36
C LYS A 47 -3.88 0.99 -9.97
N PHE A 48 -4.37 1.08 -8.74
CA PHE A 48 -5.08 2.28 -8.32
C PHE A 48 -4.18 3.52 -8.31
N PRO A 49 -3.01 3.52 -7.67
CA PRO A 49 -2.16 4.72 -7.73
C PRO A 49 -1.64 5.03 -9.12
N GLN A 50 -1.69 4.07 -10.05
CA GLN A 50 -1.31 4.34 -11.43
C GLN A 50 -2.38 5.17 -12.13
N VAL A 51 -3.65 4.82 -11.94
CA VAL A 51 -4.73 5.48 -12.66
C VAL A 51 -5.34 6.64 -11.89
N ALA A 52 -5.20 6.67 -10.56
CA ALA A 52 -5.75 7.78 -9.78
C ALA A 52 -4.96 9.06 -9.99
N ALA A 53 -3.68 8.95 -10.33
CA ALA A 53 -2.86 10.14 -10.56
C ALA A 53 -3.24 10.86 -11.85
N THR A 54 -3.83 10.16 -12.81
CA THR A 54 -4.28 10.75 -14.05
C THR A 54 -5.78 11.04 -14.05
N GLY A 55 -6.40 11.11 -12.88
CA GLY A 55 -7.81 11.37 -12.77
C GLY A 55 -8.72 10.17 -12.95
N ASP A 56 -8.19 9.06 -13.47
CA ASP A 56 -9.00 7.87 -13.71
C ASP A 56 -9.16 7.10 -12.40
N GLY A 57 -9.63 5.86 -12.49
CA GLY A 57 -9.80 5.01 -11.33
C GLY A 57 -11.23 4.90 -10.89
N PRO A 58 -11.47 4.10 -9.85
CA PRO A 58 -12.82 3.93 -9.33
C PRO A 58 -13.22 5.10 -8.43
N ASP A 59 -14.43 5.03 -7.91
CA ASP A 59 -14.93 6.05 -6.99
C ASP A 59 -14.57 5.74 -5.54
N ILE A 60 -14.56 4.45 -5.18
CA ILE A 60 -14.24 4.01 -3.83
C ILE A 60 -13.21 2.90 -3.92
N ILE A 61 -12.17 2.96 -3.09
CA ILE A 61 -11.10 1.98 -3.07
C ILE A 61 -11.14 1.24 -1.74
N PHE A 62 -11.20 -0.09 -1.80
CA PHE A 62 -11.24 -0.95 -0.62
C PHE A 62 -9.91 -1.66 -0.48
N TRP A 63 -9.27 -1.50 0.68
CA TRP A 63 -8.03 -2.20 1.01
C TRP A 63 -7.80 -2.03 2.50
N ALA A 64 -6.80 -2.75 3.01
CA ALA A 64 -6.39 -2.56 4.38
C ALA A 64 -5.73 -1.19 4.55
N HIS A 65 -5.72 -0.70 5.79
CA HIS A 65 -5.34 0.68 6.05
C HIS A 65 -3.86 0.96 5.80
N ASP A 66 -3.02 -0.06 5.64
CA ASP A 66 -1.59 0.19 5.49
C ASP A 66 -1.24 0.84 4.16
N ARG A 67 -2.10 0.73 3.15
CA ARG A 67 -1.80 1.28 1.84
C ARG A 67 -2.34 2.69 1.63
N PHE A 68 -3.30 3.13 2.43
CA PHE A 68 -4.00 4.38 2.14
C PHE A 68 -3.13 5.61 2.37
N GLY A 69 -2.20 5.55 3.32
CA GLY A 69 -1.34 6.69 3.56
C GLY A 69 -0.49 7.06 2.36
N GLY A 70 -0.04 6.06 1.61
CA GLY A 70 0.64 6.34 0.36
C GLY A 70 -0.25 6.98 -0.67
N TYR A 71 -1.52 6.60 -0.70
CA TYR A 71 -2.46 7.24 -1.61
C TYR A 71 -2.73 8.69 -1.19
N ALA A 72 -2.80 8.95 0.11
CA ALA A 72 -3.04 10.30 0.58
C ALA A 72 -1.82 11.20 0.36
N GLN A 73 -0.62 10.66 0.53
CA GLN A 73 0.58 11.44 0.31
C GLN A 73 0.72 11.85 -1.16
N SER A 74 0.30 10.95 -2.07
CA SER A 74 0.31 11.26 -3.50
C SER A 74 -0.86 12.13 -3.93
N GLY A 75 -1.75 12.50 -3.00
CA GLY A 75 -2.90 13.32 -3.32
C GLY A 75 -3.91 12.60 -4.17
N LEU A 76 -4.27 11.38 -3.78
CA LEU A 76 -5.24 10.58 -4.52
C LEU A 76 -6.54 10.35 -3.77
N LEU A 77 -6.59 10.64 -2.47
CA LEU A 77 -7.78 10.41 -1.66
C LEU A 77 -8.42 11.73 -1.26
N ALA A 78 -9.74 11.72 -1.15
CA ALA A 78 -10.50 12.87 -0.68
C ALA A 78 -10.67 12.80 0.83
N GLU A 79 -10.58 13.95 1.49
CA GLU A 79 -10.67 13.97 2.94
C GLU A 79 -12.05 13.54 3.40
N ILE A 80 -12.09 12.67 4.41
CA ILE A 80 -13.33 12.17 4.96
C ILE A 80 -13.73 13.07 6.12
N THR A 81 -14.91 13.69 6.01
CA THR A 81 -15.43 14.60 7.02
C THR A 81 -16.79 14.09 7.49
N PRO A 82 -16.81 13.09 8.37
CA PRO A 82 -18.08 12.60 8.89
C PRO A 82 -18.59 13.46 10.03
N ALA A 83 -19.86 13.26 10.37
CA ALA A 83 -20.46 14.00 11.47
C ALA A 83 -19.84 13.58 12.80
N ALA A 84 -19.97 14.46 13.79
CA ALA A 84 -19.42 14.17 15.11
C ALA A 84 -20.11 12.97 15.75
N ALA A 85 -21.41 12.79 15.47
CA ALA A 85 -22.13 11.63 15.99
C ALA A 85 -21.78 10.36 15.25
N PHE A 86 -21.38 10.46 13.98
CA PHE A 86 -21.02 9.27 13.21
C PHE A 86 -19.66 8.73 13.60
N GLN A 87 -18.75 9.59 14.07
CA GLN A 87 -17.44 9.12 14.51
C GLN A 87 -17.54 8.29 15.78
N ASP A 88 -18.47 8.62 16.66
CA ASP A 88 -18.69 7.83 17.87
C ASP A 88 -19.44 6.53 17.61
N LYS A 89 -20.04 6.38 16.42
CA LYS A 89 -20.69 5.12 16.06
C LYS A 89 -19.68 4.00 15.89
N LEU A 90 -18.43 4.31 15.60
CA LEU A 90 -17.38 3.32 15.42
C LEU A 90 -16.36 3.42 16.56
N TYR A 91 -15.57 2.36 16.70
CA TYR A 91 -14.57 2.34 17.76
C TYR A 91 -13.49 3.40 17.49
N PRO A 92 -12.99 4.06 18.54
CA PRO A 92 -12.01 5.13 18.31
C PRO A 92 -10.70 4.64 17.73
N PHE A 93 -10.26 3.43 18.06
CA PHE A 93 -8.96 2.96 17.58
C PHE A 93 -8.98 2.66 16.08
N THR A 94 -10.16 2.35 15.53
CA THR A 94 -10.25 2.12 14.10
C THR A 94 -10.10 3.41 13.30
N TRP A 95 -10.53 4.54 13.88
CA TRP A 95 -10.32 5.82 13.21
C TRP A 95 -8.86 6.25 13.26
N ASP A 96 -8.12 5.79 14.26
CA ASP A 96 -6.70 6.15 14.34
C ASP A 96 -5.90 5.52 13.20
N ALA A 97 -6.37 4.40 12.67
CA ALA A 97 -5.70 3.72 11.57
C ALA A 97 -5.97 4.37 10.21
N VAL A 98 -6.96 5.23 10.11
CA VAL A 98 -7.32 5.88 8.86
C VAL A 98 -7.02 7.38 8.90
N ARG A 99 -6.21 7.82 9.86
CA ARG A 99 -5.82 9.22 9.98
C ARG A 99 -4.40 9.40 9.47
N TYR A 100 -4.21 10.39 8.60
CA TYR A 100 -2.90 10.67 8.01
C TYR A 100 -2.69 12.18 8.02
N ASN A 101 -1.62 12.63 8.68
CA ASN A 101 -1.35 14.06 8.85
C ASN A 101 -2.53 14.77 9.51
N GLY A 102 -3.15 14.11 10.49
CA GLY A 102 -4.26 14.69 11.21
C GLY A 102 -5.53 14.83 10.42
N LYS A 103 -5.74 13.97 9.43
CA LYS A 103 -6.92 14.03 8.56
C LYS A 103 -7.41 12.62 8.28
N LEU A 104 -8.73 12.44 8.34
CA LEU A 104 -9.34 11.16 8.02
C LEU A 104 -9.36 10.98 6.51
N ILE A 105 -8.76 9.89 6.03
CA ILE A 105 -8.64 9.63 4.61
C ILE A 105 -9.41 8.40 4.15
N ALA A 106 -10.05 7.69 5.08
CA ALA A 106 -10.79 6.49 4.72
C ALA A 106 -11.82 6.19 5.80
N TYR A 107 -12.75 5.30 5.48
CA TYR A 107 -13.76 4.85 6.42
C TYR A 107 -13.37 3.51 7.00
N PRO A 108 -13.18 3.39 8.31
CA PRO A 108 -12.89 2.07 8.90
C PRO A 108 -14.08 1.14 8.71
N ILE A 109 -13.80 -0.09 8.30
CA ILE A 109 -14.84 -1.07 8.04
C ILE A 109 -14.77 -2.19 9.07
N ALA A 110 -13.72 -3.02 8.98
CA ALA A 110 -13.59 -4.18 9.85
C ALA A 110 -12.12 -4.40 10.18
N VAL A 111 -11.88 -4.89 11.39
CA VAL A 111 -10.54 -5.21 11.87
C VAL A 111 -10.22 -6.65 11.52
N GLU A 112 -9.10 -6.87 10.84
CA GLU A 112 -8.71 -8.19 10.38
C GLU A 112 -7.45 -8.66 11.12
N ALA A 113 -7.38 -9.96 11.35
CA ALA A 113 -6.23 -10.55 12.04
C ALA A 113 -6.11 -12.01 11.66
N LEU A 114 -4.88 -12.49 11.53
CA LEU A 114 -4.64 -13.90 11.24
C LEU A 114 -4.95 -14.76 12.46
N SER A 115 -5.33 -16.01 12.19
CA SER A 115 -5.60 -16.97 13.25
C SER A 115 -5.25 -18.36 12.75
N LEU A 116 -5.13 -19.29 13.70
CA LEU A 116 -4.79 -20.67 13.38
C LEU A 116 -6.09 -21.44 13.15
N ILE A 117 -6.34 -21.83 11.91
CA ILE A 117 -7.50 -22.62 11.54
C ILE A 117 -7.06 -24.07 11.35
N TYR A 118 -7.72 -24.99 12.03
CA TYR A 118 -7.34 -26.39 12.04
C TYR A 118 -8.56 -27.28 11.83
N ASN A 119 -8.30 -28.52 11.44
CA ASN A 119 -9.36 -29.51 11.25
C ASN A 119 -9.53 -30.29 12.55
N LYS A 120 -10.69 -30.16 13.17
CA LYS A 120 -10.92 -30.82 14.46
C LYS A 120 -11.03 -32.33 14.30
N ASP A 121 -11.50 -32.81 13.14
CA ASP A 121 -11.61 -34.25 12.94
C ASP A 121 -10.23 -34.90 12.80
N LEU A 122 -9.22 -34.13 12.38
CA LEU A 122 -7.88 -34.66 12.16
C LEU A 122 -6.87 -34.15 13.16
N LEU A 123 -7.25 -33.25 14.06
CA LEU A 123 -6.30 -32.71 15.03
C LEU A 123 -7.04 -32.15 16.25
N PRO A 124 -7.19 -32.95 17.31
CA PRO A 124 -7.76 -32.41 18.55
C PRO A 124 -6.69 -31.69 19.37
N ASN A 125 -7.04 -30.49 19.84
CA ASN A 125 -6.15 -29.63 20.62
C ASN A 125 -4.87 -29.33 19.85
N PRO A 126 -4.86 -28.28 19.05
CA PRO A 126 -3.68 -27.95 18.23
C PRO A 126 -2.49 -27.59 19.12
N PRO A 127 -1.28 -27.62 18.57
CA PRO A 127 -0.11 -27.26 19.37
C PRO A 127 -0.08 -25.78 19.71
N LYS A 128 0.45 -25.48 20.90
CA LYS A 128 0.59 -24.10 21.35
C LYS A 128 1.93 -23.49 20.97
N THR A 129 2.86 -24.29 20.46
CA THR A 129 4.18 -23.81 20.05
C THR A 129 4.49 -24.29 18.64
N TRP A 130 5.28 -23.50 17.92
CA TRP A 130 5.72 -23.88 16.59
C TRP A 130 6.70 -25.04 16.63
N GLU A 131 7.41 -25.24 17.75
CA GLU A 131 8.51 -26.19 17.79
C GLU A 131 8.02 -27.63 17.71
N GLU A 132 6.81 -27.92 18.17
CA GLU A 132 6.26 -29.27 18.15
C GLU A 132 5.50 -29.58 16.87
N ILE A 133 5.52 -28.69 15.89
CA ILE A 133 4.85 -28.90 14.61
C ILE A 133 5.63 -29.87 13.73
N PRO A 134 6.98 -29.82 13.69
CA PRO A 134 7.69 -30.88 12.95
C PRO A 134 7.39 -32.29 13.44
N ALA A 135 7.25 -32.47 14.76
CA ALA A 135 6.91 -33.79 15.27
C ALA A 135 5.46 -34.14 14.96
N LEU A 136 4.57 -33.14 14.98
CA LEU A 136 3.17 -33.40 14.66
C LEU A 136 2.96 -33.73 13.19
N ASP A 137 3.79 -33.16 12.31
CA ASP A 137 3.66 -33.48 10.89
C ASP A 137 4.19 -34.86 10.56
N LYS A 138 5.21 -35.32 11.28
CA LYS A 138 5.76 -36.65 11.02
C LYS A 138 4.74 -37.74 11.35
N GLU A 139 3.87 -37.51 12.34
CA GLU A 139 2.84 -38.49 12.65
C GLU A 139 1.74 -38.49 11.59
N LEU A 140 1.34 -37.31 11.12
CA LEU A 140 0.28 -37.22 10.12
C LEU A 140 0.73 -37.72 8.76
N LYS A 141 2.04 -37.70 8.48
CA LYS A 141 2.54 -38.27 7.23
C LYS A 141 2.28 -39.77 7.17
N ALA A 142 2.31 -40.45 8.31
CA ALA A 142 1.95 -41.86 8.35
C ALA A 142 0.47 -42.06 8.04
N LYS A 143 -0.37 -41.11 8.43
CA LYS A 143 -1.79 -41.15 8.12
C LYS A 143 -2.10 -40.68 6.70
N GLY A 144 -1.10 -40.23 5.95
CA GLY A 144 -1.31 -39.76 4.60
C GLY A 144 -1.72 -38.31 4.47
N LYS A 145 -1.55 -37.51 5.52
CA LYS A 145 -1.94 -36.11 5.53
C LYS A 145 -0.77 -35.25 5.99
N SER A 146 -0.98 -33.94 6.01
CA SER A 146 0.03 -32.98 6.45
C SER A 146 -0.52 -32.13 7.59
N ALA A 147 0.39 -31.47 8.28
CA ALA A 147 0.03 -30.71 9.48
C ALA A 147 -0.39 -29.28 9.17
N LEU A 148 0.44 -28.54 8.44
CA LEU A 148 0.21 -27.11 8.23
C LEU A 148 0.51 -26.75 6.79
N MET A 149 -0.40 -26.00 6.17
CA MET A 149 -0.22 -25.48 4.81
C MET A 149 -0.88 -24.10 4.76
N PHE A 150 -0.06 -23.05 4.66
CA PHE A 150 -0.57 -21.69 4.54
C PHE A 150 0.21 -20.96 3.46
N ASN A 151 -0.29 -19.80 3.07
CA ASN A 151 0.28 -19.04 1.97
C ASN A 151 1.70 -18.60 2.31
N LEU A 152 2.66 -18.99 1.45
CA LEU A 152 4.05 -18.60 1.61
C LEU A 152 4.49 -17.58 0.57
N GLN A 153 3.60 -17.14 -0.31
CA GLN A 153 3.95 -16.15 -1.32
C GLN A 153 3.72 -14.71 -0.86
N GLU A 154 2.87 -14.50 0.14
CA GLU A 154 2.64 -13.18 0.70
C GLU A 154 3.25 -13.09 2.08
N PRO A 155 4.08 -12.08 2.36
CA PRO A 155 4.70 -11.99 3.69
C PRO A 155 3.72 -11.74 4.81
N TYR A 156 2.47 -11.38 4.50
CA TYR A 156 1.47 -11.14 5.53
C TYR A 156 1.24 -12.39 6.38
N PHE A 157 1.32 -13.57 5.76
CA PHE A 157 1.02 -14.81 6.46
C PHE A 157 2.21 -15.34 7.26
N THR A 158 3.43 -15.04 6.83
CA THR A 158 4.62 -15.51 7.53
C THR A 158 5.13 -14.53 8.57
N TRP A 159 4.73 -13.25 8.48
CA TRP A 159 5.20 -12.24 9.43
C TRP A 159 4.89 -12.56 10.89
N PRO A 160 3.77 -13.19 11.27
CA PRO A 160 3.58 -13.53 12.69
C PRO A 160 4.74 -14.31 13.30
N LEU A 161 5.31 -15.26 12.57
CA LEU A 161 6.44 -16.02 13.08
C LEU A 161 7.73 -15.20 13.06
N ILE A 162 7.92 -14.38 12.02
CA ILE A 162 9.12 -13.56 11.91
C ILE A 162 9.17 -12.52 13.03
N ALA A 163 8.04 -11.90 13.33
CA ALA A 163 7.99 -10.85 14.34
C ALA A 163 7.89 -11.37 15.76
N ALA A 164 7.76 -12.69 15.94
CA ALA A 164 7.52 -13.23 17.28
C ALA A 164 8.72 -13.03 18.20
N ASP A 165 9.93 -13.03 17.66
CA ASP A 165 11.14 -13.01 18.47
C ASP A 165 11.91 -11.70 18.40
N GLY A 166 11.41 -10.71 17.67
CA GLY A 166 12.08 -9.42 17.64
C GLY A 166 11.93 -8.65 16.35
N GLY A 167 11.39 -9.29 15.31
CA GLY A 167 11.21 -8.62 14.04
C GLY A 167 10.13 -7.55 14.12
N TYR A 168 10.42 -6.39 13.52
CA TYR A 168 9.45 -5.31 13.46
C TYR A 168 9.65 -4.56 12.14
N ALA A 169 8.61 -3.83 11.73
CA ALA A 169 8.66 -3.07 10.48
C ALA A 169 9.39 -1.76 10.67
N PHE A 170 8.75 -0.80 11.34
CA PHE A 170 9.36 0.48 11.67
C PHE A 170 9.20 0.72 13.17
N LYS A 171 10.30 1.07 13.82
CA LYS A 171 10.30 1.20 15.28
C LYS A 171 9.66 2.51 15.69
N TYR A 172 8.66 2.44 16.56
CA TYR A 172 7.96 3.60 17.09
C TYR A 172 8.18 3.66 18.60
N GLU A 173 8.91 4.66 19.06
CA GLU A 173 9.23 4.79 20.47
C GLU A 173 8.27 5.76 21.16
N ASN A 174 8.47 7.05 20.95
CA ASN A 174 7.64 8.09 21.56
C ASN A 174 6.81 8.87 20.56
N GLY A 175 7.36 9.18 19.39
CA GLY A 175 6.63 9.94 18.38
C GLY A 175 6.79 9.40 16.98
N LYS A 176 5.67 9.06 16.35
CA LYS A 176 5.64 8.57 14.97
C LYS A 176 6.51 7.34 14.77
N TYR A 177 6.88 7.06 13.52
CA TYR A 177 7.71 5.92 13.17
C TYR A 177 9.08 6.39 12.70
N ASP A 178 10.03 5.46 12.72
CA ASP A 178 11.41 5.71 12.29
C ASP A 178 11.61 5.01 10.96
N ILE A 179 11.73 5.81 9.89
CA ILE A 179 11.85 5.24 8.55
C ILE A 179 13.22 4.64 8.32
N LYS A 180 14.27 5.31 8.79
CA LYS A 180 15.63 4.80 8.59
C LYS A 180 15.92 3.57 9.43
N ASP A 181 15.09 3.26 10.43
CA ASP A 181 15.31 2.14 11.34
C ASP A 181 14.27 1.06 11.02
N VAL A 182 14.72 0.03 10.30
CA VAL A 182 13.87 -1.11 9.94
C VAL A 182 14.41 -2.33 10.68
N GLY A 183 13.49 -3.11 11.27
CA GLY A 183 13.89 -4.27 12.04
C GLY A 183 13.68 -5.59 11.36
N VAL A 184 14.28 -5.76 10.18
CA VAL A 184 14.17 -7.00 9.42
C VAL A 184 15.41 -7.87 9.56
N ASP A 185 16.58 -7.25 9.64
CA ASP A 185 17.84 -8.00 9.78
C ASP A 185 18.35 -7.98 11.22
N ASN A 186 17.48 -8.33 12.16
CA ASN A 186 17.85 -8.47 13.56
C ASN A 186 17.92 -9.95 13.92
N ALA A 187 18.31 -10.22 15.18
CA ALA A 187 18.47 -11.60 15.62
C ALA A 187 17.13 -12.31 15.73
N GLY A 188 16.09 -11.58 16.15
CA GLY A 188 14.79 -12.20 16.31
C GLY A 188 14.15 -12.58 15.00
N ALA A 189 14.28 -11.72 13.99
CA ALA A 189 13.70 -12.02 12.69
C ALA A 189 14.45 -13.16 12.00
N LYS A 190 15.78 -13.18 12.14
CA LYS A 190 16.56 -14.29 11.58
C LYS A 190 16.16 -15.62 12.20
N ALA A 191 15.75 -15.61 13.46
CA ALA A 191 15.33 -16.85 14.11
C ALA A 191 13.99 -17.34 13.55
N GLY A 192 13.02 -16.44 13.42
CA GLY A 192 11.72 -16.86 12.93
C GLY A 192 11.77 -17.37 11.51
N LEU A 193 12.47 -16.65 10.62
CA LEU A 193 12.55 -17.07 9.23
C LEU A 193 13.37 -18.35 9.08
N THR A 194 14.37 -18.55 9.95
CA THR A 194 15.15 -19.79 9.90
C THR A 194 14.27 -21.00 10.20
N PHE A 195 13.39 -20.88 11.20
CA PHE A 195 12.50 -21.99 11.54
C PHE A 195 11.56 -22.30 10.39
N LEU A 196 11.11 -21.27 9.66
CA LEU A 196 10.23 -21.51 8.52
C LEU A 196 10.98 -22.20 7.38
N VAL A 197 12.24 -21.83 7.17
CA VAL A 197 13.03 -22.48 6.12
C VAL A 197 13.32 -23.93 6.48
N ASP A 198 13.69 -24.19 7.73
CA ASP A 198 13.94 -25.56 8.17
C ASP A 198 12.69 -26.42 8.07
N LEU A 199 11.51 -25.82 8.22
CA LEU A 199 10.27 -26.54 7.97
C LEU A 199 10.19 -26.99 6.52
N ILE A 200 10.69 -26.16 5.60
CA ILE A 200 10.70 -26.53 4.19
C ILE A 200 11.83 -27.49 3.88
N LYS A 201 12.97 -27.35 4.58
CA LYS A 201 14.08 -28.28 4.39
C LYS A 201 13.67 -29.71 4.74
N ASN A 202 12.96 -29.88 5.85
CA ASN A 202 12.54 -31.19 6.33
C ASN A 202 11.25 -31.68 5.67
N LYS A 203 10.86 -31.06 4.55
CA LYS A 203 9.68 -31.48 3.78
C LYS A 203 8.39 -31.41 4.60
N HIS A 204 8.33 -30.49 5.55
CA HIS A 204 7.09 -30.24 6.29
C HIS A 204 6.22 -29.18 5.61
N MET A 205 6.81 -28.34 4.77
CA MET A 205 6.07 -27.36 3.97
C MET A 205 6.71 -27.28 2.60
N ASN A 206 5.97 -26.68 1.66
CA ASN A 206 6.41 -26.53 0.28
C ASN A 206 6.49 -25.05 -0.05
N ALA A 207 7.65 -24.61 -0.57
CA ALA A 207 7.89 -23.19 -0.76
C ALA A 207 6.95 -22.56 -1.78
N ASP A 208 6.37 -23.33 -2.68
CA ASP A 208 5.48 -22.79 -3.70
C ASP A 208 4.02 -22.81 -3.26
N THR A 209 3.72 -23.21 -2.03
CA THR A 209 2.35 -23.18 -1.51
C THR A 209 1.85 -21.74 -1.45
N ASP A 210 0.83 -21.44 -2.25
CA ASP A 210 0.28 -20.08 -2.28
C ASP A 210 -1.03 -20.01 -1.50
N TYR A 211 -1.96 -19.18 -1.95
CA TYR A 211 -3.22 -19.03 -1.22
C TYR A 211 -4.22 -20.12 -1.60
N SER A 212 -4.38 -20.38 -2.90
CA SER A 212 -5.38 -21.35 -3.35
C SER A 212 -4.93 -22.79 -3.09
N ILE A 213 -3.63 -23.06 -3.13
CA ILE A 213 -3.15 -24.40 -2.83
C ILE A 213 -3.35 -24.72 -1.35
N ALA A 214 -3.07 -23.75 -0.47
CA ALA A 214 -3.29 -23.96 0.95
C ALA A 214 -4.78 -23.99 1.29
N GLU A 215 -5.60 -23.30 0.50
CA GLU A 215 -7.04 -23.32 0.75
C GLU A 215 -7.66 -24.63 0.29
N ALA A 216 -7.27 -25.12 -0.89
CA ALA A 216 -7.80 -26.38 -1.40
C ALA A 216 -7.35 -27.55 -0.54
N ALA A 217 -6.12 -27.50 -0.03
CA ALA A 217 -5.62 -28.56 0.83
C ALA A 217 -6.33 -28.59 2.17
N PHE A 218 -6.88 -27.46 2.63
CA PHE A 218 -7.62 -27.43 3.88
C PHE A 218 -9.11 -27.63 3.68
N ASN A 219 -9.65 -27.23 2.53
CA ASN A 219 -11.05 -27.46 2.21
C ASN A 219 -11.32 -28.88 1.73
N LYS A 220 -10.30 -29.74 1.66
CA LYS A 220 -10.46 -31.12 1.27
C LYS A 220 -10.01 -32.09 2.35
N GLY A 221 -9.69 -31.60 3.55
CA GLY A 221 -9.21 -32.47 4.60
C GLY A 221 -7.84 -33.06 4.35
N GLU A 222 -7.05 -32.45 3.47
CA GLU A 222 -5.73 -32.98 3.15
C GLU A 222 -4.68 -32.52 4.15
N THR A 223 -4.79 -31.30 4.65
CA THR A 223 -3.88 -30.77 5.65
C THR A 223 -4.64 -30.49 6.94
N ALA A 224 -3.91 -30.52 8.06
CA ALA A 224 -4.55 -30.38 9.36
C ALA A 224 -4.79 -28.92 9.71
N MET A 225 -3.78 -28.06 9.53
CA MET A 225 -3.86 -26.67 9.93
C MET A 225 -3.60 -25.76 8.73
N THR A 226 -4.13 -24.54 8.83
CA THR A 226 -3.92 -23.51 7.82
C THR A 226 -4.08 -22.15 8.49
N ILE A 227 -3.17 -21.24 8.20
CA ILE A 227 -3.19 -19.89 8.75
C ILE A 227 -3.86 -18.97 7.72
N ASN A 228 -4.94 -18.32 8.13
CA ASN A 228 -5.69 -17.46 7.23
C ASN A 228 -6.54 -16.50 8.07
N GLY A 229 -7.32 -15.66 7.38
CA GLY A 229 -8.13 -14.68 8.03
C GLY A 229 -9.61 -14.99 7.97
N PRO A 230 -10.44 -14.09 8.52
CA PRO A 230 -11.89 -14.36 8.55
C PRO A 230 -12.53 -14.45 7.19
N TRP A 231 -11.93 -13.87 6.15
CA TRP A 231 -12.54 -13.89 4.82
C TRP A 231 -12.63 -15.31 4.26
N ALA A 232 -11.74 -16.20 4.68
CA ALA A 232 -11.68 -17.56 4.17
C ALA A 232 -12.55 -18.52 4.97
N TRP A 233 -13.44 -18.02 5.82
CA TRP A 233 -14.28 -18.90 6.63
C TRP A 233 -15.44 -19.49 5.83
N SER A 234 -15.92 -18.77 4.81
CA SER A 234 -17.08 -19.25 4.07
C SER A 234 -16.73 -20.43 3.17
N ASN A 235 -15.54 -20.43 2.58
CA ASN A 235 -15.15 -21.52 1.70
C ASN A 235 -14.97 -22.83 2.46
N ILE A 236 -14.67 -22.76 3.75
CA ILE A 236 -14.56 -23.97 4.55
C ILE A 236 -15.93 -24.49 4.94
N ASP A 237 -16.91 -23.59 5.10
CA ASP A 237 -18.26 -24.03 5.44
C ASP A 237 -18.90 -24.80 4.28
N THR A 238 -18.75 -24.28 3.05
CA THR A 238 -19.32 -24.95 1.89
C THR A 238 -18.64 -26.28 1.60
N SER A 239 -17.42 -26.48 2.09
CA SER A 239 -16.70 -27.74 1.89
C SER A 239 -17.06 -28.79 2.92
N ALA A 240 -17.87 -28.44 3.93
CA ALA A 240 -18.29 -29.36 4.98
C ALA A 240 -17.09 -29.97 5.71
N VAL A 241 -16.35 -29.09 6.39
CA VAL A 241 -15.19 -29.47 7.18
C VAL A 241 -15.38 -28.92 8.59
N ASN A 242 -15.35 -29.81 9.59
CA ASN A 242 -15.49 -29.41 10.98
C ASN A 242 -14.17 -28.80 11.43
N TYR A 243 -14.09 -27.47 11.44
CA TYR A 243 -12.86 -26.76 11.72
C TYR A 243 -13.01 -25.89 12.97
N GLY A 244 -11.90 -25.32 13.39
CA GLY A 244 -11.90 -24.45 14.56
C GLY A 244 -10.89 -23.33 14.37
N VAL A 245 -11.19 -22.19 14.99
CA VAL A 245 -10.33 -21.01 14.95
C VAL A 245 -9.74 -20.83 16.34
N THR A 246 -8.42 -21.00 16.45
CA THR A 246 -7.74 -20.95 17.74
C THR A 246 -6.56 -19.98 17.66
N VAL A 247 -5.81 -19.93 18.77
CA VAL A 247 -4.69 -19.01 18.86
C VAL A 247 -3.51 -19.54 18.04
N LEU A 248 -2.72 -18.62 17.51
CA LEU A 248 -1.53 -19.00 16.77
C LEU A 248 -0.47 -19.57 17.72
N PRO A 249 0.32 -20.54 17.26
CA PRO A 249 1.37 -21.10 18.11
C PRO A 249 2.45 -20.07 18.41
N THR A 250 3.25 -20.37 19.42
CA THR A 250 4.31 -19.49 19.87
C THR A 250 5.67 -19.97 19.35
N PHE A 251 6.62 -19.04 19.28
CA PHE A 251 7.99 -19.34 18.88
C PHE A 251 8.92 -18.89 19.99
N LYS A 252 9.77 -19.81 20.46
CA LYS A 252 10.62 -19.58 21.63
C LYS A 252 9.79 -19.18 22.84
N GLY A 253 8.54 -19.65 22.92
CA GLY A 253 7.65 -19.27 23.99
C GLY A 253 6.96 -17.95 23.72
N GLN A 254 7.61 -17.08 22.96
CA GLN A 254 7.03 -15.77 22.67
C GLN A 254 5.89 -15.93 21.67
N PRO A 255 4.78 -15.21 21.87
CA PRO A 255 3.65 -15.34 20.94
C PRO A 255 3.95 -14.67 19.60
N SER A 256 3.33 -15.21 18.55
CA SER A 256 3.46 -14.60 17.23
C SER A 256 2.73 -13.27 17.19
N LYS A 257 3.29 -12.32 16.45
CA LYS A 257 2.75 -10.97 16.36
C LYS A 257 2.27 -10.72 14.93
N PRO A 258 1.01 -11.02 14.61
CA PRO A 258 0.50 -10.72 13.27
C PRO A 258 0.24 -9.23 13.10
N PHE A 259 0.42 -8.76 11.87
CA PHE A 259 0.17 -7.36 11.54
C PHE A 259 -1.33 -7.17 11.35
N VAL A 260 -1.96 -6.42 12.25
CA VAL A 260 -3.41 -6.27 12.25
C VAL A 260 -3.79 -5.26 11.18
N GLY A 261 -4.78 -5.63 10.35
CA GLY A 261 -5.23 -4.79 9.26
C GLY A 261 -6.68 -4.36 9.46
N VAL A 262 -6.91 -3.06 9.30
CA VAL A 262 -8.24 -2.48 9.37
C VAL A 262 -8.68 -2.21 7.93
N LEU A 263 -9.60 -3.03 7.42
CA LEU A 263 -10.14 -2.80 6.09
C LEU A 263 -10.79 -1.42 6.03
N SER A 264 -10.47 -0.66 4.99
CA SER A 264 -10.92 0.72 4.89
C SER A 264 -11.40 1.01 3.48
N ALA A 265 -12.23 2.04 3.36
CA ALA A 265 -12.77 2.48 2.08
C ALA A 265 -12.42 3.95 1.88
N GLY A 266 -11.69 4.25 0.83
CA GLY A 266 -11.28 5.61 0.51
C GLY A 266 -12.01 6.13 -0.71
N ILE A 267 -12.15 7.45 -0.79
CA ILE A 267 -12.85 8.11 -1.88
C ILE A 267 -11.82 8.78 -2.78
N ASN A 268 -11.89 8.48 -4.08
CA ASN A 268 -10.93 9.03 -5.04
C ASN A 268 -11.03 10.55 -5.06
N ALA A 269 -9.86 11.20 -5.10
CA ALA A 269 -9.84 12.66 -5.13
C ALA A 269 -10.38 13.21 -6.44
N ALA A 270 -10.27 12.45 -7.52
CA ALA A 270 -10.78 12.86 -8.82
C ALA A 270 -12.18 12.30 -9.10
N SER A 271 -12.90 11.92 -8.06
CA SER A 271 -14.23 11.35 -8.24
C SER A 271 -15.26 12.45 -8.45
N PRO A 272 -16.08 12.38 -9.50
CA PRO A 272 -17.16 13.36 -9.68
C PRO A 272 -18.38 13.08 -8.82
N ASN A 273 -18.33 12.06 -7.96
CA ASN A 273 -19.45 11.66 -7.10
C ASN A 273 -19.00 11.54 -5.66
N LYS A 274 -18.33 12.59 -5.15
CA LYS A 274 -17.83 12.56 -3.78
C LYS A 274 -18.97 12.51 -2.77
N GLU A 275 -20.02 13.30 -2.98
CA GLU A 275 -21.16 13.27 -2.07
C GLU A 275 -22.01 12.03 -2.27
N LEU A 276 -22.11 11.54 -3.51
CA LEU A 276 -22.85 10.31 -3.76
C LEU A 276 -22.14 9.11 -3.13
N ALA A 277 -20.82 9.04 -3.24
CA ALA A 277 -20.08 7.95 -2.63
C ALA A 277 -20.06 8.07 -1.10
N LYS A 278 -20.09 9.30 -0.57
CA LYS A 278 -20.09 9.47 0.88
C LYS A 278 -21.41 9.02 1.48
N GLU A 279 -22.53 9.27 0.80
CA GLU A 279 -23.82 8.83 1.29
C GLU A 279 -23.91 7.31 1.32
N PHE A 280 -23.28 6.64 0.35
CA PHE A 280 -23.26 5.18 0.36
C PHE A 280 -22.41 4.64 1.50
N LEU A 281 -21.23 5.23 1.71
CA LEU A 281 -20.31 4.69 2.72
C LEU A 281 -20.76 5.00 4.14
N GLU A 282 -21.53 6.06 4.34
CA GLU A 282 -21.86 6.51 5.70
C GLU A 282 -23.18 5.92 6.18
N ASN A 283 -24.29 6.33 5.57
CA ASN A 283 -25.62 6.06 6.11
C ASN A 283 -26.29 4.82 5.51
N TYR A 284 -26.29 4.70 4.18
CA TYR A 284 -27.17 3.75 3.51
C TYR A 284 -26.49 2.44 3.13
N LEU A 285 -25.35 2.11 3.75
CA LEU A 285 -24.69 0.84 3.45
C LEU A 285 -23.62 0.47 4.47
N LEU A 286 -23.57 1.18 5.61
CA LEU A 286 -22.60 0.87 6.65
C LEU A 286 -23.24 0.38 7.94
N THR A 287 -24.51 0.64 8.16
CA THR A 287 -25.18 0.20 9.39
C THR A 287 -25.28 -1.32 9.41
N ASP A 288 -25.95 -1.83 10.45
CA ASP A 288 -26.07 -3.28 10.63
C ASP A 288 -26.75 -3.96 9.46
N GLU A 289 -27.56 -3.23 8.69
CA GLU A 289 -28.19 -3.81 7.51
C GLU A 289 -27.16 -4.07 6.41
N GLY A 290 -26.14 -3.23 6.31
CA GLY A 290 -25.15 -3.35 5.25
C GLY A 290 -24.00 -4.28 5.60
N LEU A 291 -23.49 -4.17 6.84
CA LEU A 291 -22.37 -5.01 7.25
C LEU A 291 -22.78 -6.47 7.32
N GLU A 292 -24.02 -6.76 7.71
CA GLU A 292 -24.47 -8.15 7.78
C GLU A 292 -24.59 -8.77 6.39
N ALA A 293 -24.98 -7.98 5.39
CA ALA A 293 -25.13 -8.53 4.04
C ALA A 293 -23.78 -8.86 3.43
N VAL A 294 -22.76 -8.03 3.68
CA VAL A 294 -21.43 -8.31 3.17
C VAL A 294 -20.80 -9.49 3.93
N ASN A 295 -21.10 -9.61 5.22
CA ASN A 295 -20.56 -10.70 6.01
C ASN A 295 -21.08 -12.06 5.57
N LYS A 296 -22.23 -12.12 4.90
CA LYS A 296 -22.77 -13.39 4.44
C LYS A 296 -21.88 -14.04 3.39
N ASP A 297 -21.40 -13.24 2.43
CA ASP A 297 -20.53 -13.77 1.39
C ASP A 297 -19.18 -14.16 1.97
N LYS A 298 -18.44 -13.18 2.49
CA LYS A 298 -17.14 -13.42 3.12
C LYS A 298 -17.16 -12.74 4.48
N PRO A 299 -16.87 -13.47 5.57
CA PRO A 299 -16.85 -12.83 6.89
C PRO A 299 -15.78 -11.76 6.96
N LEU A 300 -16.05 -10.74 7.79
CA LEU A 300 -15.16 -9.59 7.91
C LEU A 300 -14.39 -9.56 9.22
N GLY A 301 -14.72 -10.42 10.19
CA GLY A 301 -14.06 -10.39 11.47
C GLY A 301 -14.68 -9.38 12.41
N ALA A 302 -13.84 -8.81 13.28
CA ALA A 302 -14.29 -7.80 14.23
C ALA A 302 -14.52 -6.49 13.49
N VAL A 303 -15.79 -6.17 13.23
CA VAL A 303 -16.15 -4.95 12.52
C VAL A 303 -15.89 -3.74 13.39
N ALA A 304 -15.90 -2.55 12.79
CA ALA A 304 -15.66 -1.31 13.51
C ALA A 304 -16.93 -0.67 14.05
N LEU A 305 -18.10 -1.07 13.57
CA LEU A 305 -19.35 -0.51 14.05
C LEU A 305 -19.69 -1.09 15.42
N LYS A 306 -19.98 -0.20 16.38
CA LYS A 306 -20.27 -0.65 17.74
C LYS A 306 -21.58 -1.41 17.82
N SER A 307 -22.62 -0.92 17.14
CA SER A 307 -23.93 -1.55 17.21
C SER A 307 -23.96 -2.94 16.57
N TYR A 308 -22.93 -3.32 15.82
CA TYR A 308 -22.86 -4.63 15.20
C TYR A 308 -21.75 -5.51 15.74
N GLU A 309 -20.72 -4.92 16.35
CA GLU A 309 -19.60 -5.72 16.86
C GLU A 309 -20.01 -6.50 18.10
N GLU A 310 -20.91 -5.96 18.92
CA GLU A 310 -21.34 -6.66 20.12
C GLU A 310 -22.24 -7.84 19.79
N GLU A 311 -22.93 -7.81 18.66
CA GLU A 311 -23.73 -8.94 18.23
C GLU A 311 -22.88 -10.12 17.77
N LEU A 312 -21.59 -9.91 17.53
CA LEU A 312 -20.68 -10.97 17.14
C LEU A 312 -19.45 -11.05 18.05
N ALA A 313 -19.46 -10.34 19.18
CA ALA A 313 -18.30 -10.37 20.07
C ALA A 313 -18.15 -11.72 20.76
N LYS A 314 -19.25 -12.43 20.97
CA LYS A 314 -19.22 -13.76 21.60
C LYS A 314 -18.99 -14.87 20.59
N ASP A 315 -18.58 -14.54 19.37
CA ASP A 315 -18.32 -15.56 18.37
C ASP A 315 -16.98 -16.22 18.67
N PRO A 316 -16.93 -17.56 18.80
CA PRO A 316 -15.65 -18.22 19.10
C PRO A 316 -14.59 -17.99 18.04
N ARG A 317 -14.99 -17.87 16.78
CA ARG A 317 -14.01 -17.59 15.72
C ARG A 317 -13.52 -16.15 15.80
N ILE A 318 -14.39 -15.21 16.15
CA ILE A 318 -13.99 -13.82 16.23
C ILE A 318 -13.26 -13.53 17.54
N ALA A 319 -13.60 -14.26 18.61
CA ALA A 319 -12.92 -14.06 19.89
C ALA A 319 -11.44 -14.37 19.77
N ALA A 320 -11.08 -15.46 19.07
CA ALA A 320 -9.68 -15.77 18.85
C ALA A 320 -9.03 -14.79 17.88
N THR A 321 -9.82 -14.23 16.95
CA THR A 321 -9.28 -13.22 16.05
C THR A 321 -8.78 -12.00 16.81
N MET A 322 -9.55 -11.57 17.82
CA MET A 322 -9.13 -10.44 18.65
C MET A 322 -8.01 -10.83 19.61
N GLU A 323 -7.86 -12.11 19.93
CA GLU A 323 -6.77 -12.52 20.82
C GLU A 323 -5.42 -12.45 20.12
N ASN A 324 -5.38 -12.86 18.84
CA ASN A 324 -4.14 -12.70 18.08
C ASN A 324 -3.90 -11.23 17.73
N ALA A 325 -4.96 -10.44 17.63
CA ALA A 325 -4.80 -9.02 17.31
C ALA A 325 -4.11 -8.28 18.46
N GLN A 326 -4.51 -8.57 19.71
CA GLN A 326 -3.89 -7.90 20.84
C GLN A 326 -2.48 -8.40 21.08
N LYS A 327 -2.17 -9.63 20.69
CA LYS A 327 -0.80 -10.14 20.80
C LYS A 327 0.10 -9.65 19.68
N GLY A 328 -0.47 -9.04 18.65
CA GLY A 328 0.29 -8.42 17.57
C GLY A 328 0.31 -6.91 17.71
N GLU A 329 0.33 -6.23 16.57
CA GLU A 329 0.30 -4.77 16.57
C GLU A 329 -0.34 -4.29 15.28
N ILE A 330 -0.92 -3.09 15.34
CA ILE A 330 -1.63 -2.53 14.21
C ILE A 330 -0.63 -2.10 13.15
N MET A 331 -1.01 -2.25 11.88
CA MET A 331 -0.12 -1.85 10.79
C MET A 331 -0.02 -0.33 10.71
N PRO A 332 1.18 0.20 10.51
CA PRO A 332 1.30 1.62 10.18
C PRO A 332 0.65 1.90 8.83
N ASN A 333 0.14 3.11 8.67
CA ASN A 333 -0.40 3.55 7.40
C ASN A 333 0.54 4.49 6.65
N ILE A 334 1.79 4.60 7.10
CA ILE A 334 2.75 5.50 6.50
C ILE A 334 3.04 5.06 5.06
N PRO A 335 3.35 5.98 4.15
CA PRO A 335 3.58 5.58 2.75
C PRO A 335 4.73 4.60 2.57
N GLN A 336 5.62 4.47 3.55
CA GLN A 336 6.77 3.60 3.42
C GLN A 336 6.44 2.13 3.61
N MET A 337 5.20 1.80 3.99
CA MET A 337 4.83 0.41 4.21
C MET A 337 4.91 -0.41 2.92
N SER A 338 4.71 0.24 1.77
CA SER A 338 4.85 -0.47 0.51
C SER A 338 6.28 -0.94 0.30
N ALA A 339 7.25 -0.09 0.65
CA ALA A 339 8.66 -0.49 0.56
C ALA A 339 8.97 -1.63 1.52
N PHE A 340 8.36 -1.62 2.71
CA PHE A 340 8.58 -2.68 3.68
C PHE A 340 8.05 -4.01 3.16
N TRP A 341 6.80 -4.03 2.68
CA TRP A 341 6.19 -5.28 2.23
C TRP A 341 6.91 -5.84 1.00
N TYR A 342 7.31 -4.97 0.08
CA TYR A 342 8.04 -5.44 -1.10
C TYR A 342 9.37 -6.08 -0.72
N ALA A 343 10.06 -5.50 0.26
CA ALA A 343 11.37 -6.02 0.65
C ALA A 343 11.23 -7.34 1.41
N VAL A 344 10.21 -7.46 2.25
CA VAL A 344 10.05 -8.69 3.02
C VAL A 344 9.48 -9.81 2.14
N ARG A 345 8.63 -9.47 1.17
CA ARG A 345 8.12 -10.48 0.25
C ARG A 345 9.26 -11.17 -0.48
N THR A 346 10.20 -10.38 -1.00
CA THR A 346 11.36 -10.96 -1.68
C THR A 346 12.21 -11.78 -0.72
N ALA A 347 12.34 -11.33 0.53
CA ALA A 347 13.19 -12.01 1.50
C ALA A 347 12.63 -13.39 1.83
N VAL A 348 11.32 -13.47 2.09
CA VAL A 348 10.71 -14.75 2.45
C VAL A 348 10.76 -15.72 1.28
N ILE A 349 10.43 -15.24 0.08
CA ILE A 349 10.42 -16.10 -1.10
C ILE A 349 11.82 -16.60 -1.41
N ASN A 350 12.82 -15.71 -1.34
CA ASN A 350 14.19 -16.12 -1.64
C ASN A 350 14.74 -17.06 -0.57
N ALA A 351 14.34 -16.87 0.69
CA ALA A 351 14.80 -17.79 1.74
C ALA A 351 14.10 -19.13 1.63
N ALA A 352 12.77 -19.11 1.46
CA ALA A 352 12.02 -20.36 1.37
C ALA A 352 12.46 -21.20 0.20
N SER A 353 12.73 -20.58 -0.95
CA SER A 353 13.13 -21.29 -2.15
C SER A 353 14.59 -21.70 -2.14
N GLY A 354 15.39 -21.21 -1.19
CA GLY A 354 16.80 -21.53 -1.13
C GLY A 354 17.68 -20.66 -1.99
N ARG A 355 17.15 -19.62 -2.61
CA ARG A 355 17.96 -18.77 -3.48
C ARG A 355 18.91 -17.87 -2.70
N GLN A 356 18.60 -17.59 -1.44
CA GLN A 356 19.47 -16.84 -0.56
C GLN A 356 19.44 -17.46 0.82
N THR A 357 20.54 -17.34 1.55
CA THR A 357 20.51 -17.74 2.96
C THR A 357 19.59 -16.80 3.73
N VAL A 358 19.19 -17.24 4.92
CA VAL A 358 18.30 -16.42 5.74
C VAL A 358 18.98 -15.11 6.12
N ASP A 359 20.28 -15.16 6.42
CA ASP A 359 21.01 -13.95 6.78
C ASP A 359 21.08 -12.99 5.60
N ALA A 360 21.48 -13.49 4.43
CA ALA A 360 21.62 -12.62 3.27
C ALA A 360 20.28 -12.07 2.80
N ALA A 361 19.22 -12.88 2.87
CA ALA A 361 17.91 -12.44 2.42
C ALA A 361 17.34 -11.35 3.31
N LEU A 362 17.61 -11.43 4.62
CA LEU A 362 17.11 -10.41 5.54
C LEU A 362 18.00 -9.18 5.55
N ALA A 363 19.30 -9.34 5.34
CA ALA A 363 20.17 -8.19 5.22
C ALA A 363 19.82 -7.37 3.99
N ALA A 364 19.56 -8.04 2.86
CA ALA A 364 19.17 -7.34 1.65
C ALA A 364 17.80 -6.67 1.80
N ALA A 365 16.89 -7.30 2.56
CA ALA A 365 15.57 -6.71 2.78
C ALA A 365 15.69 -5.41 3.55
N GLN A 366 16.58 -5.36 4.55
CA GLN A 366 16.83 -4.11 5.26
C GLN A 366 17.33 -3.02 4.32
N THR A 367 18.30 -3.36 3.48
CA THR A 367 18.86 -2.39 2.54
C THR A 367 17.84 -1.98 1.49
N ASN A 368 17.06 -2.94 0.98
CA ASN A 368 16.08 -2.62 -0.06
C ASN A 368 14.93 -1.79 0.49
N ALA A 369 14.47 -2.10 1.70
CA ALA A 369 13.36 -1.34 2.29
C ALA A 369 13.74 0.12 2.48
N ALA A 370 14.95 0.40 2.97
CA ALA A 370 15.38 1.78 3.14
C ALA A 370 15.60 2.46 1.80
N ALA A 371 16.15 1.73 0.82
CA ALA A 371 16.43 2.32 -0.49
C ALA A 371 15.15 2.64 -1.25
N MET A 372 14.07 1.90 -1.00
CA MET A 372 12.79 2.18 -1.65
C MET A 372 11.97 3.21 -0.90
N ALA A 373 12.20 3.38 0.40
CA ALA A 373 11.48 4.35 1.21
C ALA A 373 12.23 5.67 1.36
N ARG A 374 13.34 5.85 0.66
CA ARG A 374 14.12 7.07 0.80
CA ARG A 374 14.12 7.07 0.82
C ARG A 374 13.34 8.28 0.30
N PRO A 375 13.48 9.44 0.93
CA PRO A 375 12.71 10.61 0.52
C PRO A 375 13.02 11.05 -0.90
N VAL A 376 11.96 11.44 -1.62
CA VAL A 376 12.10 12.00 -2.96
C VAL A 376 11.94 13.52 -2.96
N LYS A 377 11.26 14.09 -1.96
CA LYS A 377 11.03 15.52 -1.86
C LYS A 377 11.74 16.08 -0.64
N VAL A 378 12.04 17.38 -0.70
CA VAL A 378 12.70 18.05 0.43
C VAL A 378 11.85 17.95 1.69
N ALA A 379 10.54 18.14 1.56
CA ALA A 379 9.66 18.05 2.71
C ALA A 379 9.73 16.66 3.35
N GLU A 380 9.71 15.62 2.52
CA GLU A 380 9.85 14.27 3.04
C GLU A 380 11.20 14.08 3.74
N LEU A 381 12.25 14.69 3.19
CA LEU A 381 13.57 14.58 3.79
C LEU A 381 13.61 15.21 5.17
N ALA A 382 13.04 16.42 5.30
CA ALA A 382 13.00 17.08 6.59
C ALA A 382 12.19 16.28 7.60
N HIS A 383 11.10 15.65 7.16
CA HIS A 383 10.31 14.82 8.05
C HIS A 383 11.05 13.54 8.41
N HIS A 384 11.75 12.94 7.44
CA HIS A 384 12.58 11.78 7.71
C HIS A 384 13.63 12.08 8.77
N LEU A 385 14.19 13.29 8.74
CA LEU A 385 15.22 13.73 9.67
C LEU A 385 14.64 14.38 10.92
N ASN A 386 13.31 14.49 11.02
CA ASN A 386 12.63 15.09 12.18
C ASN A 386 13.15 16.50 12.45
N ILE A 387 13.41 17.25 11.38
CA ILE A 387 13.85 18.64 11.50
C ILE A 387 12.98 19.50 10.61
N PRO A 388 12.87 20.80 10.91
CA PRO A 388 12.18 21.71 9.99
C PRO A 388 12.96 21.88 8.70
N ILE A 389 12.24 22.32 7.67
CA ILE A 389 12.81 22.37 6.31
C ILE A 389 14.02 23.28 6.28
N TRP A 390 13.97 24.41 6.98
CA TRP A 390 15.08 25.38 6.91
C TRP A 390 16.35 24.88 7.58
N GLU A 391 16.28 23.80 8.36
CA GLU A 391 17.48 23.20 8.93
C GLU A 391 18.14 22.18 8.00
N VAL A 392 17.51 21.87 6.86
CA VAL A 392 18.10 20.92 5.92
C VAL A 392 19.28 21.60 5.23
N LEU A 393 20.41 20.89 5.17
CA LEU A 393 21.63 21.36 4.53
C LEU A 393 21.86 20.45 3.32
N LEU A 394 21.32 20.86 2.17
CA LEU A 394 21.25 20.01 0.99
C LEU A 394 22.21 20.49 -0.08
N PRO A 395 23.25 19.71 -0.41
CA PRO A 395 24.14 20.12 -1.49
C PRO A 395 23.44 20.09 -2.84
N CYS A 396 23.81 21.03 -3.70
CA CYS A 396 23.35 21.00 -5.08
C CYS A 396 24.12 19.94 -5.85
N ASN A 397 23.42 19.22 -6.72
CA ASN A 397 24.08 18.17 -7.49
C ASN A 397 24.95 18.73 -8.60
N PHE A 398 24.61 19.91 -9.12
CA PHE A 398 25.24 20.44 -10.33
C PHE A 398 26.31 21.49 -10.06
N CYS A 399 26.46 21.95 -8.81
CA CYS A 399 27.55 22.83 -8.44
C CYS A 399 27.96 22.51 -7.01
N THR A 400 28.91 23.27 -6.49
CA THR A 400 29.43 23.05 -5.15
C THR A 400 28.69 23.83 -4.07
N GLY A 401 27.53 24.41 -4.41
CA GLY A 401 26.79 25.19 -3.44
C GLY A 401 25.75 24.38 -2.70
N PHE A 402 25.20 24.98 -1.66
CA PHE A 402 24.14 24.38 -0.86
C PHE A 402 22.88 25.24 -0.99
N LEU A 403 21.72 24.58 -0.97
CA LEU A 403 20.48 25.25 -1.25
C LEU A 403 20.06 26.17 -0.12
N THR A 404 19.53 27.34 -0.47
CA THR A 404 18.94 28.23 0.50
C THR A 404 17.57 27.71 0.93
N TYR A 405 17.00 28.32 1.97
CA TYR A 405 15.68 27.93 2.43
C TYR A 405 14.64 28.12 1.35
N GLN A 406 14.73 29.21 0.59
CA GLN A 406 13.80 29.41 -0.52
C GLN A 406 14.02 28.37 -1.62
N GLU A 407 15.27 28.05 -1.92
CA GLU A 407 15.54 27.02 -2.92
C GLU A 407 15.06 25.65 -2.47
N LEU A 408 15.05 25.40 -1.16
CA LEU A 408 14.52 24.13 -0.66
C LEU A 408 13.03 24.01 -0.93
N LEU A 409 12.28 25.09 -0.67
CA LEU A 409 10.84 25.08 -0.94
C LEU A 409 10.57 25.10 -2.44
N GLU A 410 11.39 25.82 -3.21
CA GLU A 410 11.21 25.87 -4.66
C GLU A 410 11.49 24.52 -5.31
N PHE A 411 12.41 23.74 -4.73
CA PHE A 411 12.70 22.40 -5.22
C PHE A 411 11.42 21.57 -5.30
N ASP A 412 10.66 21.53 -4.20
CA ASP A 412 9.40 20.80 -4.20
C ASP A 412 8.32 21.51 -5.02
N TYR A 413 8.35 22.86 -5.04
CA TYR A 413 7.39 23.62 -5.83
C TYR A 413 7.50 23.27 -7.30
N LYS A 414 8.73 23.19 -7.81
CA LYS A 414 8.96 22.81 -9.21
C LYS A 414 8.86 21.32 -9.43
N ASP A 415 8.46 20.55 -8.42
CA ASP A 415 8.26 19.10 -8.51
C ASP A 415 9.54 18.39 -8.94
N PHE A 416 10.68 18.81 -8.40
CA PHE A 416 11.94 18.13 -8.64
C PHE A 416 12.00 16.86 -7.80
N ASN A 417 13.04 16.05 -8.06
CA ASN A 417 13.24 14.80 -7.36
C ASN A 417 14.66 14.76 -6.80
N LEU A 418 14.78 14.40 -5.53
CA LEU A 418 16.10 14.30 -4.90
C LEU A 418 16.94 13.24 -5.60
N LEU A 419 18.25 13.49 -5.65
CA LEU A 419 19.20 12.58 -6.26
C LEU A 419 20.06 11.94 -5.18
N TRP A 420 20.26 10.62 -5.29
CA TRP A 420 21.01 9.87 -4.29
C TRP A 420 22.25 9.28 -4.97
N LYS A 421 23.42 9.69 -4.49
CA LYS A 421 24.68 9.25 -5.06
C LYS A 421 25.65 8.94 -3.93
N ASP A 422 26.14 7.71 -3.88
CA ASP A 422 27.18 7.29 -2.93
C ASP A 422 26.75 7.52 -1.49
N GLY A 423 25.45 7.41 -1.22
CA GLY A 423 24.91 7.64 0.11
C GLY A 423 24.45 9.06 0.38
N PHE A 424 25.07 10.05 -0.27
CA PHE A 424 24.66 11.43 -0.11
C PHE A 424 23.41 11.73 -0.94
N VAL A 425 22.58 12.63 -0.42
CA VAL A 425 21.40 13.11 -1.13
C VAL A 425 21.71 14.49 -1.68
N PHE A 426 21.17 14.78 -2.86
CA PHE A 426 21.46 16.02 -3.56
C PHE A 426 20.18 16.66 -4.08
N GLY A 427 20.20 17.98 -4.19
CA GLY A 427 19.10 18.72 -4.78
C GLY A 427 19.56 19.51 -6.00
N CYS A 428 18.96 20.68 -6.21
CA CYS A 428 19.33 21.54 -7.32
C CYS A 428 18.99 22.98 -6.94
N CYS A 429 19.98 23.87 -7.07
CA CYS A 429 19.76 25.27 -6.75
C CYS A 429 19.13 25.99 -7.95
N ALA A 430 18.70 27.23 -7.70
CA ALA A 430 17.97 27.98 -8.72
C ALA A 430 18.85 28.22 -9.95
N ALA A 431 20.09 28.66 -9.74
CA ALA A 431 20.97 28.98 -10.87
C ALA A 431 21.25 27.74 -11.72
N CYS A 432 21.45 26.59 -11.08
CA CYS A 432 21.67 25.36 -11.84
C CYS A 432 20.39 24.88 -12.52
N ALA A 433 19.23 25.18 -11.92
CA ALA A 433 17.96 24.85 -12.56
C ALA A 433 17.81 25.57 -13.89
N TYR A 434 17.92 26.90 -13.87
CA TYR A 434 17.84 27.68 -15.11
C TYR A 434 18.97 27.34 -16.06
N ARG A 435 20.15 27.04 -15.54
CA ARG A 435 21.28 26.71 -16.39
C ARG A 435 21.08 25.37 -17.09
N SER A 436 20.45 24.40 -16.40
CA SER A 436 20.20 23.11 -17.00
C SER A 436 19.11 23.20 -18.07
N ALA A 437 18.10 24.03 -17.83
CA ALA A 437 17.03 24.18 -18.82
C ALA A 437 17.54 24.83 -20.10
N TYR A 438 18.44 25.81 -19.97
CA TYR A 438 18.98 26.48 -21.15
C TYR A 438 19.83 25.51 -21.98
N HIS A 439 20.74 24.79 -21.34
CA HIS A 439 21.58 23.84 -22.06
C HIS A 439 20.75 22.72 -22.68
N GLU A 440 19.74 22.24 -21.95
CA GLU A 440 18.88 21.19 -22.47
C GLU A 440 18.11 21.67 -23.70
N PHE A 441 17.60 22.90 -23.65
CA PHE A 441 16.75 23.39 -24.73
C PHE A 441 17.55 23.83 -25.95
N THR A 442 18.81 24.22 -25.76
CA THR A 442 19.64 24.72 -26.85
C THR A 442 20.57 23.65 -27.42
N ASN A 443 20.46 22.40 -26.96
CA ASN A 443 21.31 21.33 -27.47
C ASN A 443 20.56 20.05 -27.79
N TYR A 444 19.30 19.91 -27.35
CA TYR A 444 18.54 18.68 -27.56
C TYR A 444 17.12 18.99 -28.02
N HIS A 445 16.93 20.12 -28.70
CA HIS A 445 15.61 20.50 -29.19
C HIS A 445 15.25 19.66 -30.41
N GLN A 446 14.10 18.99 -30.35
CA GLN A 446 13.71 18.03 -31.38
C GLN A 446 12.65 18.56 -32.33
N GLU A 447 11.56 19.12 -31.82
CA GLU A 447 10.51 19.63 -32.71
C GLU A 447 9.68 20.68 -31.98
N ILE A 448 8.83 21.35 -32.75
CA ILE A 448 7.88 22.34 -32.25
C ILE A 448 6.50 21.97 -32.74
N VAL A 449 5.48 22.16 -31.90
CA VAL A 449 4.08 22.03 -32.30
C VAL A 449 3.32 23.23 -31.75
N VAL A 450 2.15 23.48 -32.32
CA VAL A 450 1.32 24.63 -31.98
C VAL A 450 0.13 24.12 -31.18
N GLY A 451 0.09 24.46 -29.89
CA GLY A 451 -1.09 24.22 -29.08
C GLY A 451 -1.54 22.76 -29.08
N ILE A 452 -2.81 22.56 -29.43
CA ILE A 452 -3.46 21.26 -29.29
C ILE A 452 -2.85 20.20 -30.19
N GLU A 453 -1.93 20.57 -31.09
CA GLU A 453 -1.24 19.57 -31.90
C GLU A 453 -0.41 18.62 -31.05
N ILE A 454 -0.10 18.99 -29.81
CA ILE A 454 0.70 18.13 -28.94
C ILE A 454 -0.03 16.82 -28.65
N GLU A 455 -1.37 16.85 -28.67
CA GLU A 455 -2.13 15.66 -28.31
C GLU A 455 -1.90 14.53 -29.31
N GLY A 456 -1.81 14.86 -30.60
CA GLY A 456 -1.51 13.85 -31.59
C GLY A 456 -0.08 13.37 -31.52
N ARG A 457 0.87 14.29 -31.36
CA ARG A 457 2.28 13.91 -31.32
C ARG A 457 2.58 13.06 -30.08
N ALA A 458 1.96 13.38 -28.95
CA ALA A 458 2.18 12.65 -27.71
C ALA A 458 1.20 11.50 -27.51
N ALA A 459 0.14 11.41 -28.33
CA ALA A 459 -0.85 10.34 -28.25
C ALA A 459 -1.54 10.33 -26.88
N ALA A 460 -1.78 11.51 -26.32
CA ALA A 460 -2.42 11.61 -25.02
C ALA A 460 -3.17 12.94 -24.93
N ASN A 461 -4.23 12.93 -24.14
CA ASN A 461 -4.97 14.16 -23.85
C ASN A 461 -4.06 15.17 -23.16
N ILE A 462 -4.42 16.45 -23.29
CA ILE A 462 -3.58 17.52 -22.74
C ILE A 462 -3.44 17.41 -21.24
N ALA A 463 -4.45 16.85 -20.56
CA ALA A 463 -4.38 16.73 -19.11
C ALA A 463 -3.37 15.68 -18.67
N GLU A 464 -3.12 14.67 -19.51
CA GLU A 464 -2.26 13.55 -19.14
C GLU A 464 -0.83 13.71 -19.63
N ILE A 465 -0.53 14.76 -20.39
CA ILE A 465 0.83 15.02 -20.85
C ILE A 465 1.57 15.82 -19.79
N VAL A 466 2.74 15.34 -19.40
CA VAL A 466 3.59 16.09 -18.47
C VAL A 466 4.36 17.12 -19.29
N VAL A 467 4.11 18.40 -19.01
CA VAL A 467 4.84 19.50 -19.64
C VAL A 467 5.50 20.32 -18.55
N ARG A 468 6.76 20.68 -18.76
CA ARG A 468 7.50 21.52 -17.85
C ARG A 468 7.87 22.83 -18.54
N CYS A 469 8.09 23.86 -17.73
CA CYS A 469 8.45 25.16 -18.29
C CYS A 469 9.86 25.11 -18.88
N LEU A 470 9.98 25.52 -20.14
CA LEU A 470 11.30 25.49 -20.79
C LEU A 470 12.28 26.48 -20.18
N ILE A 471 11.82 27.38 -19.32
CA ILE A 471 12.69 28.34 -18.65
C ILE A 471 13.03 27.90 -17.23
N CYS A 472 12.01 27.63 -16.41
CA CYS A 472 12.21 27.37 -14.99
C CYS A 472 11.97 25.91 -14.60
N LEU A 473 11.64 25.04 -15.55
CA LEU A 473 11.48 23.59 -15.38
C LEU A 473 10.30 23.20 -14.51
N LYS A 474 9.51 24.16 -14.03
CA LYS A 474 8.33 23.85 -13.25
C LYS A 474 7.33 23.03 -14.07
N ARG A 475 6.61 22.15 -13.39
CA ARG A 475 5.52 21.41 -14.02
C ARG A 475 4.34 22.34 -14.30
N LEU A 476 3.83 22.30 -15.53
CA LEU A 476 2.70 23.12 -15.93
C LEU A 476 1.40 22.50 -15.45
N ASP A 477 0.54 23.31 -14.83
CA ASP A 477 -0.77 22.83 -14.46
C ASP A 477 -1.69 22.83 -15.68
N LEU A 478 -2.89 22.28 -15.51
CA LEU A 478 -3.81 22.12 -16.63
C LEU A 478 -4.13 23.45 -17.30
N LEU A 479 -4.24 24.52 -16.52
CA LEU A 479 -4.65 25.80 -17.08
C LEU A 479 -3.52 26.45 -17.87
N GLU A 480 -2.28 26.28 -17.42
CA GLU A 480 -1.14 26.78 -18.19
C GLU A 480 -1.06 26.09 -19.55
N LYS A 481 -1.31 24.78 -19.58
CA LYS A 481 -1.26 24.07 -20.86
C LYS A 481 -2.45 24.44 -21.75
N LEU A 482 -3.63 24.59 -21.17
CA LEU A 482 -4.79 25.01 -21.97
C LEU A 482 -4.63 26.43 -22.48
N ASP A 483 -3.93 27.28 -21.74
CA ASP A 483 -3.71 28.65 -22.21
C ASP A 483 -2.79 28.70 -23.41
N ILE A 484 -1.75 27.84 -23.41
CA ILE A 484 -0.89 27.73 -24.58
C ILE A 484 -1.69 27.28 -25.80
N CYS A 485 -2.65 26.37 -25.59
CA CYS A 485 -3.52 25.95 -26.68
C CYS A 485 -4.40 27.11 -27.14
N ALA A 486 -5.04 27.80 -26.21
CA ALA A 486 -5.95 28.89 -26.56
C ALA A 486 -5.22 30.01 -27.29
N GLN A 487 -4.01 30.34 -26.82
CA GLN A 487 -3.24 31.41 -27.45
C GLN A 487 -2.46 30.96 -28.67
N HIS A 488 -2.63 29.70 -29.11
CA HIS A 488 -1.93 29.15 -30.27
C HIS A 488 -0.42 29.28 -30.10
N ARG A 489 0.07 28.99 -28.90
CA ARG A 489 1.50 29.07 -28.62
C ARG A 489 2.15 27.70 -28.77
N GLU A 490 3.46 27.67 -28.59
CA GLU A 490 4.27 26.52 -28.99
C GLU A 490 4.57 25.61 -27.81
N PHE A 491 4.44 24.30 -28.05
CA PHE A 491 5.00 23.27 -27.20
C PHE A 491 6.25 22.72 -27.88
N HIS A 492 7.29 22.46 -27.09
CA HIS A 492 8.55 21.96 -27.61
C HIS A 492 8.84 20.56 -27.08
N ARG A 493 9.36 19.71 -27.95
CA ARG A 493 9.80 18.37 -27.57
C ARG A 493 11.32 18.39 -27.42
N VAL A 494 11.79 18.21 -26.20
CA VAL A 494 13.22 18.28 -25.88
C VAL A 494 13.59 17.07 -25.04
N ARG A 495 14.59 16.31 -25.50
CA ARG A 495 15.02 15.07 -24.85
C ARG A 495 13.84 14.15 -24.60
N ASN A 496 12.98 14.02 -25.60
CA ASN A 496 11.77 13.20 -25.55
C ASN A 496 10.81 13.65 -24.45
N ARG A 497 10.95 14.90 -24.00
CA ARG A 497 10.04 15.49 -23.04
C ARG A 497 9.38 16.72 -23.65
N TRP A 498 8.19 17.06 -23.17
CA TRP A 498 7.43 18.19 -23.68
C TRP A 498 7.64 19.41 -22.79
N LYS A 499 7.91 20.55 -23.42
CA LYS A 499 8.18 21.79 -22.70
CA LYS A 499 8.18 21.78 -22.70
C LYS A 499 7.28 22.90 -23.23
N GLY A 500 7.03 23.88 -22.37
CA GLY A 500 6.26 25.05 -22.71
C GLY A 500 6.71 26.22 -21.86
N VAL A 501 5.93 27.30 -21.83
CA VAL A 501 6.23 28.46 -20.99
C VAL A 501 5.15 28.58 -19.94
N CYS A 502 5.55 28.57 -18.68
CA CYS A 502 4.58 28.75 -17.60
C CYS A 502 4.08 30.18 -17.60
N ARG A 503 3.00 30.42 -16.84
CA ARG A 503 2.38 31.75 -16.81
C ARG A 503 3.31 32.82 -16.25
N HIS A 504 4.41 32.44 -15.61
CA HIS A 504 5.29 33.39 -14.94
C HIS A 504 6.53 33.73 -15.75
N CYS A 505 7.03 32.82 -16.58
CA CYS A 505 8.28 33.04 -17.30
C CYS A 505 8.02 33.72 -18.64
N ARG A 506 9.10 34.23 -19.23
CA ARG A 506 9.07 34.84 -20.55
C ARG A 506 10.49 34.83 -21.11
N VAL A 507 10.60 35.12 -22.40
CA VAL A 507 11.90 35.19 -23.06
C VAL A 507 11.81 36.10 -24.28
N SER A 521 31.81 16.45 -23.58
CA SER A 521 30.81 15.52 -24.10
C SER A 521 30.37 14.53 -23.03
N ALA A 522 31.35 13.84 -22.44
CA ALA A 522 31.04 12.87 -21.39
C ALA A 522 30.53 13.57 -20.13
N ALA A 523 31.00 14.79 -19.85
CA ALA A 523 30.50 15.53 -18.70
C ALA A 523 29.08 16.02 -18.93
N ALA A 524 28.72 16.30 -20.18
CA ALA A 524 27.36 16.75 -20.48
C ALA A 524 26.36 15.59 -20.43
N GLU A 525 26.79 14.39 -20.83
CA GLU A 525 25.88 13.24 -20.79
C GLU A 525 25.50 12.87 -19.37
N GLU A 526 26.46 12.93 -18.44
CA GLU A 526 26.13 12.72 -17.04
C GLU A 526 25.30 13.87 -16.49
N TRP A 527 25.57 15.09 -16.97
CA TRP A 527 24.75 16.24 -16.61
C TRP A 527 23.29 16.02 -17.02
N MET A 528 23.07 15.70 -18.29
CA MET A 528 21.71 15.45 -18.78
C MET A 528 21.10 14.19 -18.19
N SER A 529 21.94 13.24 -17.75
CA SER A 529 21.40 12.07 -17.07
C SER A 529 20.92 12.43 -15.66
N ASP A 530 21.65 13.30 -14.97
CA ASP A 530 21.21 13.76 -13.66
C ASP A 530 19.94 14.60 -13.76
N LEU A 531 19.78 15.35 -14.85
CA LEU A 531 18.56 16.13 -15.05
C LEU A 531 17.35 15.23 -15.26
N ASP A 532 17.54 14.07 -15.89
CA ASP A 532 16.45 13.13 -16.06
C ASP A 532 15.93 12.63 -14.71
N ASP A 533 16.85 12.23 -13.83
CA ASP A 533 16.45 11.81 -12.49
C ASP A 533 15.85 12.96 -11.70
N LEU A 534 16.33 14.19 -11.93
CA LEU A 534 15.77 15.35 -11.23
C LEU A 534 14.32 15.58 -11.62
N LEU A 535 14.01 15.46 -12.91
CA LEU A 535 12.64 15.67 -13.38
C LEU A 535 11.78 14.43 -13.27
N GLY A 536 12.38 13.25 -13.22
CA GLY A 536 11.63 12.01 -13.14
C GLY A 536 10.91 11.69 -14.44
N SER A 537 10.03 10.69 -14.35
CA SER A 537 9.24 10.28 -15.50
C SER A 537 7.91 11.02 -15.57
N GLN A 538 7.13 10.99 -14.50
CA GLN A 538 5.89 11.75 -14.43
C GLN A 538 6.20 13.21 -14.11
C1 GLC B . -5.86 -9.98 2.98
C2 GLC B . -5.72 -8.87 4.04
C3 GLC B . -4.64 -7.90 3.71
C4 GLC B . -3.36 -8.55 3.37
C5 GLC B . -3.53 -9.70 2.37
C6 GLC B . -2.24 -10.44 2.23
O1 GLC B . -6.27 -9.41 1.79
O2 GLC B . -6.96 -8.16 4.14
O3 GLC B . -4.46 -7.01 4.86
O4 GLC B . -2.46 -7.56 2.76
O5 GLC B . -4.60 -10.66 2.77
O6 GLC B . -2.38 -11.48 1.26
C1 GLC B . -1.54 -7.02 3.73
C2 GLC B . -1.39 -5.58 3.43
C3 GLC B . -0.87 -5.36 2.07
C4 GLC B . 0.38 -6.13 1.76
C5 GLC B . 0.32 -7.61 2.16
C6 GLC B . 1.62 -8.19 2.15
O2 GLC B . -2.70 -4.94 3.53
O3 GLC B . -0.59 -3.92 1.91
O4 GLC B . 0.60 -6.05 0.31
O5 GLC B . -0.26 -7.72 3.59
O6 GLC B . 1.51 -9.57 1.92
C1 GLC B . 1.74 -5.27 0.01
C2 GLC B . 1.43 -4.35 -1.12
C3 GLC B . 1.03 -5.06 -2.35
C4 GLC B . 1.88 -6.23 -2.72
C5 GLC B . 2.42 -7.08 -1.55
C6 GLC B . 3.56 -7.82 -1.97
O2 GLC B . 0.33 -3.45 -0.71
O3 GLC B . 1.09 -4.07 -3.43
O4 GLC B . 1.09 -7.15 -3.57
O5 GLC B . 2.83 -6.16 -0.37
O6 GLC B . 4.06 -8.56 -0.89
C1 GLC B . 1.21 -6.83 -4.94
C2 GLC B . 0.42 -7.77 -5.71
C3 GLC B . 1.06 -9.09 -5.88
C4 GLC B . 2.42 -8.97 -6.47
C5 GLC B . 3.34 -8.13 -5.61
C6 GLC B . 4.58 -7.90 -6.30
O2 GLC B . -0.90 -7.97 -5.04
O3 GLC B . 0.24 -9.91 -6.75
O4 GLC B . 3.00 -10.33 -6.62
O5 GLC B . 2.65 -6.77 -5.33
O6 GLC B . 5.27 -9.11 -6.45
ZN ZN C . 8.60 29.06 -15.83
ZN ZN D . 23.81 24.50 -8.21
C1 PEG E . 21.07 16.23 5.01
O1 PEG E . 21.46 16.20 3.66
C2 PEG E . 20.51 17.59 5.35
O2 PEG E . 20.11 17.62 6.69
C3 PEG E . 20.77 18.57 7.47
C4 PEG E . 20.71 18.16 8.94
O4 PEG E . 20.94 19.28 9.75
#